data_5TBQ
#
_entry.id   5TBQ
#
_entity_poly.entity_id   1
_entity_poly.type   'polypeptide(L)'
_entity_poly.pdbx_seq_one_letter_code
;GE(CGU)(CGU)LA(CGU)KA(CGU)FAR(CGU)LANY(NH2)
;
_entity_poly.pdbx_strand_id   A
#
# COMPACT_ATOMS: atom_id res chain seq x y z
N GLY A 1 2.93 12.02 -6.49
CA GLY A 1 1.73 11.86 -7.36
C GLY A 1 0.79 10.82 -6.75
N GLU A 2 -0.46 10.85 -7.13
CA GLU A 2 -1.44 9.87 -6.55
C GLU A 2 -0.91 8.42 -6.70
N LEU A 5 1.29 7.30 -4.11
CA LEU A 5 0.60 6.96 -2.83
C LEU A 5 -0.25 5.72 -3.06
N ALA A 6 -0.95 5.67 -4.17
CA ALA A 6 -1.81 4.48 -4.46
C ALA A 6 -0.96 3.20 -4.34
N LYS A 8 1.83 2.66 -2.73
CA LYS A 8 2.12 2.46 -1.28
C LYS A 8 0.84 2.07 -0.55
N ALA A 9 -0.22 2.79 -0.79
CA ALA A 9 -1.52 2.46 -0.13
C ALA A 9 -1.95 1.04 -0.50
N PHE A 11 0.15 -1.50 -1.68
CA PHE A 11 1.16 -2.45 -1.12
C PHE A 11 0.97 -2.48 0.39
N ALA A 12 0.66 -1.35 0.98
CA ALA A 12 0.43 -1.30 2.45
C ALA A 12 -0.68 -2.27 2.81
N ARG A 13 -1.62 -2.49 1.94
CA ARG A 13 -2.74 -3.42 2.24
C ARG A 13 -2.29 -4.88 2.07
N LEU A 15 0.60 -6.17 1.78
CA LEU A 15 1.76 -6.53 2.63
C LEU A 15 1.43 -6.32 4.11
N ALA A 16 0.36 -5.64 4.44
CA ALA A 16 0.01 -5.44 5.88
C ALA A 16 -0.50 -6.76 6.48
N ASN A 17 -1.24 -7.54 5.72
CA ASN A 17 -1.77 -8.82 6.29
C ASN A 17 -0.62 -9.81 6.54
N TYR A 18 0.58 -9.50 6.12
CA TYR A 18 1.72 -10.43 6.34
C TYR A 18 2.20 -10.31 7.80
N GLY A 1 2.76 12.08 -7.18
CA GLY A 1 1.48 11.79 -7.92
C GLY A 1 0.65 10.79 -7.12
N GLU A 2 -0.62 10.65 -7.43
CA GLU A 2 -1.47 9.69 -6.67
C GLU A 2 -0.90 8.26 -6.78
N LEU A 5 1.29 7.33 -4.22
CA LEU A 5 0.63 7.04 -2.92
C LEU A 5 -0.20 5.76 -3.07
N ALA A 6 -0.97 5.67 -4.12
CA ALA A 6 -1.80 4.45 -4.34
C ALA A 6 -0.92 3.21 -4.17
N LYS A 8 1.95 2.89 -2.56
CA LYS A 8 2.32 2.80 -1.11
C LYS A 8 1.08 2.46 -0.28
N ALA A 9 -0.03 3.07 -0.59
CA ALA A 9 -1.28 2.77 0.18
C ALA A 9 -1.76 1.34 -0.11
N PHE A 11 0.29 -1.25 -1.32
CA PHE A 11 1.32 -2.23 -0.87
C PHE A 11 1.04 -2.55 0.60
N ALA A 12 0.72 -1.55 1.37
CA ALA A 12 0.40 -1.78 2.79
C ALA A 12 -0.81 -2.72 2.87
N ARG A 13 -1.80 -2.48 2.05
CA ARG A 13 -3.00 -3.37 2.06
C ARG A 13 -2.60 -4.80 1.66
N LEU A 15 0.65 -6.10 1.52
CA LEU A 15 1.71 -6.61 2.42
C LEU A 15 1.16 -6.76 3.85
N ALA A 16 0.32 -5.87 4.30
CA ALA A 16 -0.24 -6.02 5.67
C ALA A 16 -1.24 -7.19 5.65
N ASN A 17 -1.82 -7.46 4.52
CA ASN A 17 -2.80 -8.58 4.41
C ASN A 17 -2.03 -9.90 4.19
N TYR A 18 -0.94 -9.87 3.46
CA TYR A 18 -0.15 -11.11 3.23
C TYR A 18 0.55 -11.52 4.53
N GLY A 1 3.02 12.06 -5.78
CA GLY A 1 2.12 11.91 -6.96
C GLY A 1 0.89 11.09 -6.56
N GLU A 2 -0.06 10.96 -7.44
CA GLU A 2 -1.29 10.17 -7.14
C GLU A 2 -1.00 8.68 -7.28
N LEU A 5 0.85 7.03 -3.89
CA LEU A 5 -0.03 6.59 -2.77
C LEU A 5 -0.80 5.34 -3.20
N ALA A 6 -1.39 5.36 -4.36
CA ALA A 6 -2.14 4.18 -4.85
C ALA A 6 -1.27 2.92 -4.68
N LYS A 8 1.81 2.74 -2.82
CA LYS A 8 2.24 2.66 -1.39
C LYS A 8 1.06 2.28 -0.49
N ALA A 9 -0.08 2.85 -0.73
CA ALA A 9 -1.27 2.51 0.13
C ALA A 9 -1.74 1.09 -0.18
N PHE A 11 0.09 -1.36 -1.45
CA PHE A 11 1.14 -2.31 -0.96
C PHE A 11 1.03 -2.38 0.57
N ALA A 12 0.69 -1.30 1.18
CA ALA A 12 0.54 -1.29 2.66
C ALA A 12 -0.55 -2.28 3.08
N ARG A 13 -1.50 -2.54 2.23
CA ARG A 13 -2.58 -3.49 2.58
C ARG A 13 -2.11 -4.93 2.35
N LEU A 15 0.81 -6.22 1.72
CA LEU A 15 2.02 -6.60 2.51
C LEU A 15 1.71 -6.54 4.01
N ALA A 16 0.77 -5.74 4.43
CA ALA A 16 0.43 -5.70 5.88
C ALA A 16 -0.45 -6.89 6.21
N ASN A 17 -1.40 -7.21 5.36
CA ASN A 17 -2.28 -8.38 5.64
C ASN A 17 -1.54 -9.66 5.26
N TYR A 18 -0.44 -9.54 4.56
CA TYR A 18 0.34 -10.74 4.15
C TYR A 18 1.03 -11.36 5.38
N GLY A 1 3.16 11.10 -7.27
CA GLY A 1 2.44 11.21 -5.98
C GLY A 1 1.15 10.36 -6.01
N GLU A 2 0.21 10.72 -6.86
CA GLU A 2 -1.09 9.96 -6.93
C GLU A 2 -0.83 8.46 -7.12
N LEU A 5 1.36 7.18 -4.00
CA LEU A 5 0.57 6.95 -2.75
C LEU A 5 -0.37 5.78 -2.97
N ALA A 6 -1.06 5.75 -4.07
CA ALA A 6 -1.98 4.61 -4.37
C ALA A 6 -1.21 3.30 -4.25
N LYS A 8 1.64 2.78 -2.72
CA LYS A 8 2.02 2.68 -1.27
C LYS A 8 0.79 2.23 -0.47
N ALA A 9 -0.32 2.88 -0.68
CA ALA A 9 -1.57 2.53 0.05
C ALA A 9 -1.94 1.07 -0.22
N PHE A 11 0.00 -1.34 -1.43
CA PHE A 11 1.10 -2.22 -0.93
C PHE A 11 0.96 -2.33 0.58
N ALA A 12 0.63 -1.25 1.23
CA ALA A 12 0.43 -1.30 2.70
C ALA A 12 -0.68 -2.30 2.98
N ARG A 13 -1.54 -2.53 2.02
CA ARG A 13 -2.64 -3.50 2.21
C ARG A 13 -2.12 -4.91 1.92
N LEU A 15 0.83 -6.00 1.59
CA LEU A 15 1.96 -6.36 2.48
C LEU A 15 1.50 -6.41 3.94
N ALA A 16 0.42 -5.74 4.28
CA ALA A 16 -0.08 -5.81 5.68
C ALA A 16 -0.78 -7.16 5.88
N ASN A 17 -1.44 -7.65 4.86
CA ASN A 17 -2.14 -8.97 4.99
C ASN A 17 -1.19 -10.08 4.51
N TYR A 18 0.02 -9.74 4.18
CA TYR A 18 1.00 -10.76 3.69
C TYR A 18 1.48 -11.63 4.86
N GLY A 1 3.25 11.43 -7.80
CA GLY A 1 2.92 11.39 -6.34
C GLY A 1 1.65 10.55 -6.13
N GLU A 2 0.55 10.99 -6.68
CA GLU A 2 -0.74 10.24 -6.55
C GLU A 2 -0.51 8.74 -6.79
N LEU A 5 1.34 7.19 -3.90
CA LEU A 5 0.44 6.98 -2.74
C LEU A 5 -0.48 5.79 -3.04
N ALA A 6 -1.09 5.81 -4.20
CA ALA A 6 -2.00 4.69 -4.59
C ALA A 6 -1.24 3.36 -4.48
N LYS A 8 1.54 2.65 -2.81
CA LYS A 8 1.84 2.43 -1.38
C LYS A 8 0.54 2.03 -0.66
N ALA A 9 -0.52 2.74 -0.94
CA ALA A 9 -1.82 2.42 -0.29
C ALA A 9 -2.23 0.96 -0.54
N PHE A 11 -0.13 -1.59 -1.78
CA PHE A 11 0.96 -2.48 -1.29
C PHE A 11 0.86 -2.55 0.22
N ALA A 12 0.55 -1.45 0.86
CA ALA A 12 0.41 -1.48 2.34
C ALA A 12 -0.61 -2.55 2.72
N ARG A 13 -1.70 -2.65 2.00
CA ARG A 13 -2.73 -3.68 2.34
C ARG A 13 -2.12 -5.08 2.21
N LEU A 15 0.87 -5.94 1.83
CA LEU A 15 2.09 -6.03 2.68
C LEU A 15 1.64 -6.14 4.14
N ALA A 16 0.72 -5.30 4.57
CA ALA A 16 0.23 -5.40 5.96
C ALA A 16 -0.51 -6.73 6.11
N ASN A 17 -1.22 -7.14 5.09
CA ASN A 17 -1.94 -8.45 5.15
C ASN A 17 -0.90 -9.57 5.10
N TYR A 18 0.13 -9.42 4.32
CA TYR A 18 1.19 -10.47 4.24
C TYR A 18 2.07 -10.40 5.50
N GLY A 1 3.46 12.08 -6.65
CA GLY A 1 2.23 11.95 -7.49
C GLY A 1 1.19 11.14 -6.73
N GLU A 2 0.04 10.91 -7.31
CA GLU A 2 -1.02 10.12 -6.62
C GLU A 2 -0.71 8.62 -6.75
N LEU A 5 1.22 7.22 -4.04
CA LEU A 5 0.48 6.89 -2.80
C LEU A 5 -0.41 5.68 -3.05
N ALA A 6 -1.12 5.69 -4.16
CA ALA A 6 -2.01 4.54 -4.49
C ALA A 6 -1.22 3.23 -4.36
N LYS A 8 1.51 2.63 -2.66
CA LYS A 8 1.77 2.42 -1.21
C LYS A 8 0.46 2.04 -0.52
N ALA A 9 -0.61 2.73 -0.83
CA ALA A 9 -1.92 2.40 -0.20
C ALA A 9 -2.27 0.93 -0.47
N PHE A 11 -0.07 -1.57 -1.65
CA PHE A 11 1.02 -2.45 -1.13
C PHE A 11 0.88 -2.55 0.38
N ALA A 12 0.46 -1.48 1.01
CA ALA A 12 0.28 -1.53 2.48
C ALA A 12 -0.74 -2.63 2.82
N ARG A 13 -1.82 -2.70 2.08
CA ARG A 13 -2.85 -3.74 2.36
C ARG A 13 -2.24 -5.15 2.21
N LEU A 15 0.89 -6.15 1.83
CA LEU A 15 2.08 -6.38 2.68
C LEU A 15 1.71 -6.28 4.17
N ALA A 16 0.89 -5.34 4.56
CA ALA A 16 0.51 -5.26 6.00
C ALA A 16 -0.26 -6.53 6.37
N ASN A 17 -0.98 -7.09 5.42
CA ASN A 17 -1.74 -8.35 5.70
C ASN A 17 -0.85 -9.56 5.39
N TYR A 18 0.05 -9.43 4.46
CA TYR A 18 0.95 -10.57 4.12
C TYR A 18 1.83 -10.91 5.32
N GLY A 1 3.91 10.77 -6.84
CA GLY A 1 2.98 11.37 -5.85
C GLY A 1 1.70 10.53 -5.72
N GLU A 2 0.65 10.94 -6.38
CA GLU A 2 -0.66 10.19 -6.29
C GLU A 2 -0.46 8.69 -6.58
N LEU A 5 1.45 6.96 -3.90
CA LEU A 5 0.57 6.74 -2.72
C LEU A 5 -0.42 5.64 -3.05
N ALA A 6 -1.07 5.73 -4.20
CA ALA A 6 -2.03 4.66 -4.59
C ALA A 6 -1.32 3.30 -4.51
N LYS A 8 1.42 2.62 -2.83
CA LYS A 8 1.71 2.45 -1.38
C LYS A 8 0.43 1.97 -0.68
N ALA A 9 -0.66 2.62 -0.97
CA ALA A 9 -1.96 2.25 -0.34
C ALA A 9 -2.27 0.76 -0.60
N PHE A 11 -0.17 -1.62 -1.79
CA PHE A 11 0.96 -2.45 -1.28
C PHE A 11 0.85 -2.51 0.24
N ALA A 12 0.55 -1.39 0.86
CA ALA A 12 0.40 -1.40 2.34
C ALA A 12 -0.67 -2.43 2.72
N ARG A 13 -1.74 -2.51 1.96
CA ARG A 13 -2.81 -3.50 2.28
C ARG A 13 -2.23 -4.91 2.23
N LEU A 15 0.81 -5.79 1.92
CA LEU A 15 2.01 -5.82 2.78
C LEU A 15 1.58 -5.89 4.25
N ALA A 16 0.61 -5.11 4.63
CA ALA A 16 0.13 -5.16 6.05
C ALA A 16 -0.27 -6.60 6.37
N ASN A 17 -0.93 -7.26 5.46
CA ASN A 17 -1.32 -8.69 5.73
C ASN A 17 -0.14 -9.59 5.36
N TYR A 18 0.58 -9.26 4.32
CA TYR A 18 1.75 -10.10 3.93
C TYR A 18 2.84 -9.99 5.01
N GLY A 1 3.41 11.41 -7.28
CA GLY A 1 2.94 11.38 -5.87
C GLY A 1 1.68 10.53 -5.75
N GLU A 2 0.61 10.96 -6.38
CA GLU A 2 -0.68 10.20 -6.31
C GLU A 2 -0.44 8.70 -6.60
N LEU A 5 1.44 7.08 -3.81
CA LEU A 5 0.54 6.87 -2.65
C LEU A 5 -0.43 5.74 -2.99
N ALA A 6 -1.01 5.79 -4.17
CA ALA A 6 -1.96 4.72 -4.61
C ALA A 6 -1.26 3.36 -4.51
N LYS A 8 1.38 2.60 -2.86
CA LYS A 8 1.64 2.39 -1.41
C LYS A 8 0.36 1.92 -0.72
N ALA A 9 -0.73 2.59 -1.00
CA ALA A 9 -2.03 2.22 -0.39
C ALA A 9 -2.35 0.74 -0.69
N PHE A 11 -0.16 -1.62 -1.84
CA PHE A 11 0.95 -2.46 -1.29
C PHE A 11 0.82 -2.48 0.24
N ALA A 12 0.46 -1.37 0.83
CA ALA A 12 0.29 -1.34 2.30
C ALA A 12 -0.78 -2.35 2.70
N ARG A 13 -1.75 -2.56 1.85
CA ARG A 13 -2.82 -3.54 2.19
C ARG A 13 -2.25 -4.96 2.11
N LEU A 15 0.78 -5.98 1.81
CA LEU A 15 1.98 -6.18 2.67
C LEU A 15 1.65 -5.95 4.15
N ALA A 16 0.54 -5.31 4.45
CA ALA A 16 0.19 -5.10 5.89
C ALA A 16 -0.10 -6.47 6.52
N ASN A 17 -0.89 -7.28 5.86
CA ASN A 17 -1.18 -8.64 6.41
C ASN A 17 0.10 -9.48 6.31
N TYR A 18 0.94 -9.15 5.36
CA TYR A 18 2.22 -9.90 5.18
C TYR A 18 3.25 -9.41 6.23
N GLY A 1 1.85 11.68 -8.71
CA GLY A 1 1.96 11.56 -7.22
C GLY A 1 0.89 10.58 -6.74
N GLU A 2 -0.33 10.84 -7.08
CA GLU A 2 -1.46 9.95 -6.71
C GLU A 2 -1.03 8.48 -6.84
N LEU A 5 1.26 7.37 -4.21
CA LEU A 5 0.54 7.13 -2.94
C LEU A 5 -0.33 5.88 -3.09
N ALA A 6 -1.06 5.79 -4.18
CA ALA A 6 -1.93 4.58 -4.41
C ALA A 6 -1.06 3.32 -4.29
N LYS A 8 1.81 2.81 -2.75
CA LYS A 8 2.15 2.62 -1.31
C LYS A 8 0.88 2.23 -0.54
N ALA A 9 -0.22 2.87 -0.84
CA ALA A 9 -1.48 2.56 -0.13
C ALA A 9 -1.91 1.11 -0.44
N PHE A 11 0.07 -1.44 -1.65
CA PHE A 11 1.11 -2.39 -1.13
C PHE A 11 0.90 -2.56 0.36
N ALA A 12 0.51 -1.52 1.03
CA ALA A 12 0.27 -1.63 2.50
C ALA A 12 -0.80 -2.69 2.75
N ARG A 13 -1.86 -2.69 1.97
CA ARG A 13 -2.93 -3.71 2.19
C ARG A 13 -2.37 -5.14 2.01
N LEU A 15 0.65 -6.22 1.79
CA LEU A 15 1.81 -6.52 2.67
C LEU A 15 1.45 -6.36 4.16
N ALA A 16 0.65 -5.39 4.51
CA ALA A 16 0.28 -5.25 5.97
C ALA A 16 -0.74 -6.34 6.33
N ASN A 17 -1.52 -6.78 5.39
CA ASN A 17 -2.51 -7.86 5.67
C ASN A 17 -1.88 -9.21 5.34
N TYR A 18 -0.64 -9.21 4.94
CA TYR A 18 0.06 -10.48 4.59
C TYR A 18 0.22 -11.35 5.85
N GLY A 1 3.81 11.25 -7.16
CA GLY A 1 2.49 11.95 -7.13
C GLY A 1 1.43 11.03 -6.51
N GLU A 2 0.24 11.04 -7.03
CA GLU A 2 -0.86 10.19 -6.47
C GLU A 2 -0.54 8.70 -6.64
N LEU A 5 1.19 7.10 -3.89
CA LEU A 5 0.33 6.85 -2.70
C LEU A 5 -0.60 5.68 -3.03
N ALA A 6 -1.20 5.70 -4.20
CA ALA A 6 -2.10 4.59 -4.62
C ALA A 6 -1.34 3.26 -4.50
N LYS A 8 1.41 2.57 -2.79
CA LYS A 8 1.65 2.36 -1.34
C LYS A 8 0.34 1.95 -0.67
N ALA A 9 -0.72 2.64 -0.99
CA ALA A 9 -2.05 2.30 -0.39
C ALA A 9 -2.38 0.81 -0.63
N PHE A 11 -0.22 -1.64 -1.80
CA PHE A 11 0.89 -2.49 -1.28
C PHE A 11 0.78 -2.57 0.24
N ALA A 12 0.35 -1.51 0.86
CA ALA A 12 0.18 -1.55 2.34
C ALA A 12 -0.80 -2.66 2.70
N ARG A 13 -1.88 -2.77 1.95
CA ARG A 13 -2.87 -3.84 2.25
C ARG A 13 -2.22 -5.23 2.14
N LEU A 15 0.90 -6.06 1.84
CA LEU A 15 2.12 -6.21 2.69
C LEU A 15 1.80 -6.02 4.18
N ALA A 16 0.97 -5.07 4.54
CA ALA A 16 0.65 -4.90 6.00
C ALA A 16 -0.06 -6.17 6.49
N ASN A 17 -0.74 -6.85 5.59
CA ASN A 17 -1.45 -8.11 5.99
C ASN A 17 -0.49 -9.30 5.78
N TYR A 18 0.60 -9.08 5.12
CA TYR A 18 1.58 -10.18 4.88
C TYR A 18 2.36 -10.46 6.16
N GLY A 1 3.57 12.16 -6.34
CA GLY A 1 2.51 11.92 -7.37
C GLY A 1 1.35 11.16 -6.71
N GLU A 2 0.22 11.13 -7.36
CA GLU A 2 -0.97 10.42 -6.80
C GLU A 2 -0.85 8.92 -7.05
N LEU A 5 1.01 7.05 -3.73
CA LEU A 5 0.10 6.70 -2.60
C LEU A 5 -0.78 5.51 -3.00
N ALA A 6 -1.35 5.56 -4.16
CA ALA A 6 -2.21 4.43 -4.62
C ALA A 6 -1.42 3.11 -4.51
N LYS A 8 1.50 2.60 -2.86
CA LYS A 8 1.88 2.43 -1.43
C LYS A 8 0.66 1.97 -0.63
N ALA A 9 -0.46 2.59 -0.86
CA ALA A 9 -1.70 2.21 -0.13
C ALA A 9 -2.06 0.75 -0.43
N PHE A 11 -0.07 -1.66 -1.69
CA PHE A 11 1.04 -2.54 -1.19
C PHE A 11 0.90 -2.64 0.33
N ALA A 12 0.64 -1.55 0.99
CA ALA A 12 0.48 -1.60 2.46
C ALA A 12 -0.64 -2.60 2.82
N ARG A 13 -1.70 -2.61 2.06
CA ARG A 13 -2.83 -3.56 2.35
C ARG A 13 -2.30 -5.01 2.25
N LEU A 15 0.86 -5.92 1.97
CA LEU A 15 2.09 -6.05 2.80
C LEU A 15 1.70 -6.12 4.28
N ALA A 16 0.87 -5.21 4.74
CA ALA A 16 0.43 -5.27 6.17
C ALA A 16 -0.33 -6.58 6.38
N ASN A 17 -0.94 -7.07 5.34
CA ASN A 17 -1.69 -8.36 5.44
C ASN A 17 -0.70 -9.50 5.23
N TYR A 18 0.28 -9.29 4.39
CA TYR A 18 1.30 -10.35 4.14
C TYR A 18 2.28 -10.43 5.32
N GLY A 1 1.26 12.11 -9.06
CA GLY A 1 1.91 11.83 -7.74
C GLY A 1 1.05 10.82 -6.98
N GLU A 2 -0.22 11.07 -6.92
CA GLU A 2 -1.19 10.17 -6.24
C GLU A 2 -0.80 8.69 -6.48
N LEU A 5 1.23 7.20 -3.96
CA LEU A 5 0.53 6.87 -2.69
C LEU A 5 -0.36 5.65 -2.93
N ALA A 6 -1.09 5.64 -4.02
CA ALA A 6 -1.97 4.47 -4.34
C ALA A 6 -1.12 3.19 -4.29
N LYS A 8 1.64 2.57 -2.73
CA LYS A 8 1.93 2.32 -1.29
C LYS A 8 0.63 1.89 -0.61
N ALA A 9 -0.43 2.61 -0.84
CA ALA A 9 -1.74 2.27 -0.22
C ALA A 9 -2.11 0.82 -0.57
N PHE A 11 0.06 -1.66 -1.86
CA PHE A 11 1.12 -2.56 -1.34
C PHE A 11 1.01 -2.63 0.17
N ALA A 12 0.76 -1.52 0.80
CA ALA A 12 0.61 -1.53 2.28
C ALA A 12 -0.45 -2.58 2.67
N ARG A 13 -1.51 -2.69 1.89
CA ARG A 13 -2.56 -3.70 2.22
C ARG A 13 -2.03 -5.12 2.04
N LEU A 15 0.74 -6.01 1.86
CA LEU A 15 1.96 -6.14 2.72
C LEU A 15 1.56 -6.16 4.21
N ALA A 16 0.68 -5.28 4.62
CA ALA A 16 0.27 -5.23 6.06
C ALA A 16 -0.44 -6.54 6.48
N ASN A 17 -1.21 -7.14 5.61
CA ASN A 17 -1.92 -8.41 6.02
C ASN A 17 -0.90 -9.50 6.37
N TYR A 18 0.37 -9.29 6.14
CA TYR A 18 1.37 -10.33 6.48
C TYR A 18 1.70 -10.26 7.98
N GLY A 1 3.75 11.92 -6.15
CA GLY A 1 2.60 11.97 -7.09
C GLY A 1 1.45 11.15 -6.50
N GLU A 2 0.30 11.16 -7.12
CA GLU A 2 -0.86 10.38 -6.59
C GLU A 2 -0.60 8.87 -6.71
N LEU A 5 0.99 7.09 -4.07
CA LEU A 5 0.24 6.77 -2.84
C LEU A 5 -0.64 5.55 -3.10
N ALA A 6 -1.32 5.53 -4.23
CA ALA A 6 -2.19 4.36 -4.56
C ALA A 6 -1.38 3.07 -4.47
N LYS A 8 1.41 2.52 -2.88
CA LYS A 8 1.72 2.33 -1.43
C LYS A 8 0.45 1.90 -0.71
N ALA A 9 -0.63 2.57 -0.97
CA ALA A 9 -1.92 2.21 -0.31
C ALA A 9 -2.25 0.74 -0.58
N PHE A 11 -0.12 -1.71 -1.80
CA PHE A 11 0.98 -2.57 -1.27
C PHE A 11 0.88 -2.59 0.25
N ALA A 12 0.58 -1.48 0.85
CA ALA A 12 0.45 -1.46 2.32
C ALA A 12 -0.55 -2.53 2.77
N ARG A 13 -1.61 -2.74 2.03
CA ARG A 13 -2.61 -3.77 2.44
C ARG A 13 -2.02 -5.18 2.27
N LEU A 15 0.82 -6.01 1.99
CA LEU A 15 2.04 -6.07 2.86
C LEU A 15 1.61 -6.08 4.33
N ALA A 16 0.85 -5.11 4.76
CA ALA A 16 0.40 -5.08 6.17
C ALA A 16 -0.35 -6.39 6.49
N ASN A 17 -0.98 -6.97 5.50
CA ASN A 17 -1.72 -8.25 5.73
C ASN A 17 -0.78 -9.43 5.43
N TYR A 18 0.42 -9.14 4.99
CA TYR A 18 1.37 -10.23 4.67
C TYR A 18 1.72 -11.03 5.94
N GLY A 1 1.63 11.62 -8.90
CA GLY A 1 1.86 11.43 -7.43
C GLY A 1 0.83 10.43 -6.91
N GLU A 2 -0.42 10.67 -7.21
CA GLU A 2 -1.52 9.75 -6.77
C GLU A 2 -1.09 8.28 -6.90
N LEU A 5 1.17 7.34 -4.16
CA LEU A 5 0.40 7.13 -2.91
C LEU A 5 -0.41 5.85 -3.07
N ALA A 6 -1.09 5.71 -4.18
CA ALA A 6 -1.90 4.49 -4.43
C ALA A 6 -1.01 3.25 -4.25
N LYS A 8 1.94 2.91 -2.63
CA LYS A 8 2.30 2.81 -1.18
C LYS A 8 1.05 2.46 -0.37
N ALA A 9 -0.05 3.10 -0.65
CA ALA A 9 -1.30 2.81 0.12
C ALA A 9 -1.76 1.36 -0.14
N PHE A 11 0.27 -1.23 -1.38
CA PHE A 11 1.33 -2.19 -0.94
C PHE A 11 1.08 -2.49 0.54
N ALA A 12 0.75 -1.46 1.30
CA ALA A 12 0.45 -1.67 2.73
C ALA A 12 -0.71 -2.66 2.85
N ARG A 13 -1.73 -2.48 2.04
CA ARG A 13 -2.89 -3.41 2.10
C ARG A 13 -2.43 -4.83 1.72
N LEU A 15 0.72 -6.04 1.52
CA LEU A 15 1.78 -6.52 2.44
C LEU A 15 1.25 -6.60 3.88
N ALA A 16 0.33 -5.75 4.26
CA ALA A 16 -0.22 -5.85 5.65
C ALA A 16 -1.24 -6.99 5.67
N ASN A 17 -1.88 -7.26 4.55
CA ASN A 17 -2.88 -8.36 4.52
C ASN A 17 -2.15 -9.71 4.63
N TYR A 18 -0.99 -9.84 4.05
CA TYR A 18 -0.24 -11.13 4.15
C TYR A 18 0.40 -11.23 5.55
N GLY A 1 3.00 11.52 -6.72
CA GLY A 1 1.57 11.92 -6.96
C GLY A 1 0.65 10.83 -6.41
N GLU A 2 -0.51 10.65 -7.01
CA GLU A 2 -1.46 9.61 -6.51
C GLU A 2 -0.90 8.20 -6.74
N LEU A 5 1.55 7.29 -4.04
CA LEU A 5 0.90 6.96 -2.73
C LEU A 5 -0.06 5.79 -2.94
N ALA A 6 -0.79 5.79 -4.02
CA ALA A 6 -1.73 4.66 -4.30
C ALA A 6 -0.94 3.35 -4.26
N LYS A 8 1.78 2.67 -2.80
CA LYS A 8 2.10 2.43 -1.36
C LYS A 8 0.81 2.05 -0.62
N ALA A 9 -0.24 2.79 -0.87
CA ALA A 9 -1.55 2.48 -0.21
C ALA A 9 -1.99 1.06 -0.56
N PHE A 11 0.10 -1.51 -1.79
CA PHE A 11 1.12 -2.45 -1.26
C PHE A 11 0.96 -2.52 0.24
N ALA A 12 0.71 -1.41 0.88
CA ALA A 12 0.52 -1.43 2.34
C ALA A 12 -0.60 -2.43 2.70
N ARG A 13 -1.64 -2.48 1.90
CA ARG A 13 -2.75 -3.45 2.21
C ARG A 13 -2.25 -4.88 2.04
N LEU A 15 0.62 -5.90 1.78
CA LEU A 15 1.79 -6.07 2.69
C LEU A 15 1.28 -6.16 4.13
N ALA A 16 0.38 -5.29 4.51
CA ALA A 16 -0.18 -5.36 5.90
C ALA A 16 -0.78 -6.76 6.10
N ASN A 17 -1.44 -7.29 5.10
CA ASN A 17 -2.01 -8.66 5.24
C ASN A 17 -0.89 -9.67 5.02
N TYR A 18 0.01 -9.39 4.11
CA TYR A 18 1.16 -10.32 3.86
C TYR A 18 2.04 -10.38 5.11
N GLY A 1 3.19 11.99 -7.03
CA GLY A 1 1.86 12.00 -7.71
C GLY A 1 0.90 11.04 -7.01
N GLU A 2 -0.35 11.10 -7.34
CA GLU A 2 -1.36 10.20 -6.70
C GLU A 2 -0.91 8.73 -6.78
N LEU A 5 0.53 7.01 -3.94
CA LEU A 5 -0.37 6.55 -2.86
C LEU A 5 -1.02 5.24 -3.28
N ALA A 6 -1.61 5.21 -4.46
CA ALA A 6 -2.25 3.94 -4.93
C ALA A 6 -1.30 2.77 -4.70
N LYS A 8 1.72 2.70 -2.75
CA LYS A 8 2.05 2.61 -1.30
C LYS A 8 0.81 2.20 -0.49
N ALA A 9 -0.33 2.75 -0.79
CA ALA A 9 -1.56 2.38 -0.04
C ALA A 9 -1.98 0.95 -0.41
N PHE A 11 0.14 -1.49 -1.54
CA PHE A 11 1.18 -2.41 -0.99
C PHE A 11 0.96 -2.50 0.52
N ALA A 12 0.62 -1.41 1.13
CA ALA A 12 0.35 -1.41 2.59
C ALA A 12 -0.77 -2.41 2.90
N ARG A 13 -1.69 -2.59 1.99
CA ARG A 13 -2.79 -3.56 2.26
C ARG A 13 -2.31 -5.00 2.09
N LEU A 15 0.70 -6.24 1.76
CA LEU A 15 1.84 -6.57 2.64
C LEU A 15 1.41 -6.51 4.11
N ALA A 16 0.48 -5.68 4.45
CA ALA A 16 0.02 -5.62 5.87
C ALA A 16 -1.00 -6.75 6.09
N ASN A 17 -1.77 -7.07 5.08
CA ASN A 17 -2.77 -8.17 5.23
C ASN A 17 -2.02 -9.50 5.40
N TYR A 18 -0.94 -9.68 4.69
CA TYR A 18 -0.16 -10.95 4.83
C TYR A 18 0.47 -11.01 6.24
N GLY A 1 3.28 12.24 -6.03
CA GLY A 1 2.34 11.96 -7.15
C GLY A 1 1.20 11.07 -6.65
N GLU A 2 0.05 11.19 -7.24
CA GLU A 2 -1.14 10.38 -6.83
C GLU A 2 -0.86 8.88 -7.04
N LEU A 5 0.86 6.95 -3.74
CA LEU A 5 -0.01 6.47 -2.63
C LEU A 5 -0.81 5.25 -3.09
N ALA A 6 -1.39 5.30 -4.25
CA ALA A 6 -2.17 4.12 -4.74
C ALA A 6 -1.32 2.86 -4.60
N LYS A 8 1.72 2.55 -2.90
CA LYS A 8 2.14 2.43 -1.46
C LYS A 8 0.94 1.97 -0.62
N ALA A 9 -0.18 2.61 -0.78
CA ALA A 9 -1.39 2.23 0.01
C ALA A 9 -1.80 0.80 -0.36
N PHE A 11 0.14 -1.60 -1.61
CA PHE A 11 1.18 -2.50 -1.05
C PHE A 11 1.01 -2.51 0.47
N ALA A 12 0.73 -1.37 1.04
CA ALA A 12 0.51 -1.30 2.51
C ALA A 12 -0.67 -2.20 2.87
N ARG A 13 -1.50 -2.54 1.92
CA ARG A 13 -2.66 -3.42 2.23
C ARG A 13 -2.20 -4.88 2.14
N LEU A 15 0.69 -6.07 1.99
CA LEU A 15 1.84 -6.33 2.91
C LEU A 15 1.42 -6.06 4.37
N ALA A 16 0.32 -5.39 4.58
CA ALA A 16 -0.12 -5.15 5.99
C ALA A 16 -0.48 -6.49 6.62
N ASN A 17 -1.26 -7.30 5.95
CA ASN A 17 -1.62 -8.63 6.50
C ASN A 17 -0.37 -9.50 6.51
N TYR A 18 0.47 -9.34 5.53
CA TYR A 18 1.73 -10.14 5.45
C TYR A 18 2.74 -9.62 6.50
N GLY A 1 4.23 11.27 -5.15
CA GLY A 1 3.40 11.52 -6.37
C GLY A 1 2.00 10.95 -6.16
N GLU A 2 1.14 11.06 -7.14
CA GLU A 2 -0.24 10.50 -7.00
C GLU A 2 -0.20 8.99 -7.20
N LEU A 5 1.53 7.22 -3.82
CA LEU A 5 0.64 6.94 -2.66
C LEU A 5 -0.26 5.74 -2.98
N ALA A 6 -0.85 5.73 -4.14
CA ALA A 6 -1.72 4.58 -4.54
C ALA A 6 -0.93 3.28 -4.41
N LYS A 8 1.86 2.69 -2.81
CA LYS A 8 2.18 2.49 -1.37
C LYS A 8 0.91 2.08 -0.63
N ALA A 9 -0.17 2.77 -0.87
CA ALA A 9 -1.46 2.43 -0.19
C ALA A 9 -1.88 1.00 -0.51
N PHE A 11 0.02 -1.50 -1.68
CA PHE A 11 1.05 -2.43 -1.13
C PHE A 11 0.88 -2.50 0.38
N ALA A 12 0.58 -1.39 1.00
CA ALA A 12 0.38 -1.38 2.47
C ALA A 12 -0.71 -2.39 2.84
N ARG A 13 -1.69 -2.59 1.99
CA ARG A 13 -2.77 -3.56 2.33
C ARG A 13 -2.27 -5.00 2.14
N LEU A 15 0.63 -6.12 1.79
CA LEU A 15 1.82 -6.41 2.64
C LEU A 15 1.47 -6.18 4.11
N ALA A 16 0.37 -5.53 4.40
CA ALA A 16 -0.02 -5.34 5.83
C ALA A 16 -0.22 -6.72 6.47
N ASN A 17 -0.95 -7.58 5.80
CA ASN A 17 -1.16 -8.95 6.35
C ASN A 17 0.17 -9.71 6.27
N TYR A 18 0.95 -9.44 5.27
CA TYR A 18 2.26 -10.13 5.10
C TYR A 18 3.26 -9.59 6.13
N GLY A 1 3.09 11.55 -7.48
CA GLY A 1 2.71 11.39 -6.04
C GLY A 1 1.41 10.60 -5.98
N GLU A 2 0.42 11.09 -6.66
CA GLU A 2 -0.91 10.42 -6.74
C GLU A 2 -0.75 8.91 -6.96
N LEU A 5 1.12 7.07 -3.95
CA LEU A 5 0.22 6.79 -2.80
C LEU A 5 -0.61 5.53 -3.11
N ALA A 6 -1.29 5.51 -4.22
CA ALA A 6 -2.13 4.31 -4.57
C ALA A 6 -1.27 3.04 -4.44
N LYS A 8 1.72 2.59 -2.89
CA LYS A 8 2.12 2.44 -1.46
C LYS A 8 0.91 2.04 -0.63
N ALA A 9 -0.20 2.69 -0.85
CA ALA A 9 -1.44 2.37 -0.09
C ALA A 9 -1.89 0.94 -0.38
N PHE A 11 -0.02 -1.56 -1.65
CA PHE A 11 1.05 -2.49 -1.15
C PHE A 11 0.91 -2.60 0.36
N ALA A 12 0.71 -1.50 1.04
CA ALA A 12 0.54 -1.54 2.51
C ALA A 12 -0.58 -2.52 2.86
N ARG A 13 -1.62 -2.57 2.08
CA ARG A 13 -2.75 -3.52 2.37
C ARG A 13 -2.24 -4.95 2.24
N LEU A 15 0.71 -5.93 1.93
CA LEU A 15 1.90 -6.06 2.81
C LEU A 15 1.45 -6.15 4.27
N ALA A 16 0.55 -5.30 4.69
CA ALA A 16 0.07 -5.36 6.11
C ALA A 16 -0.44 -6.78 6.38
N ASN A 17 -1.20 -7.32 5.45
CA ASN A 17 -1.71 -8.71 5.65
C ASN A 17 -0.60 -9.71 5.33
N TYR A 18 0.20 -9.44 4.32
CA TYR A 18 1.31 -10.37 3.97
C TYR A 18 2.38 -10.35 5.08
N GLY A 1 3.62 12.00 -6.44
CA GLY A 1 2.43 11.93 -7.35
C GLY A 1 1.35 11.05 -6.71
N GLU A 2 0.14 11.12 -7.19
CA GLU A 2 -0.97 10.29 -6.61
C GLU A 2 -0.63 8.80 -6.72
N LEU A 5 1.16 7.15 -4.08
CA LEU A 5 0.44 6.82 -2.81
C LEU A 5 -0.47 5.62 -3.06
N ALA A 6 -1.17 5.61 -4.17
CA ALA A 6 -2.06 4.46 -4.49
C ALA A 6 -1.27 3.16 -4.39
N LYS A 8 1.46 2.52 -2.75
CA LYS A 8 1.72 2.31 -1.30
C LYS A 8 0.42 1.92 -0.60
N ALA A 9 -0.63 2.64 -0.88
CA ALA A 9 -1.95 2.32 -0.25
C ALA A 9 -2.33 0.86 -0.50
N PHE A 11 -0.13 -1.68 -1.73
CA PHE A 11 0.97 -2.56 -1.24
C PHE A 11 0.88 -2.59 0.27
N ALA A 12 0.56 -1.47 0.88
CA ALA A 12 0.43 -1.46 2.35
C ALA A 12 -0.60 -2.52 2.78
N ARG A 13 -1.69 -2.63 2.05
CA ARG A 13 -2.71 -3.66 2.41
C ARG A 13 -2.11 -5.06 2.33
N LEU A 15 0.91 -5.90 1.96
CA LEU A 15 2.12 -5.96 2.82
C LEU A 15 1.68 -6.01 4.28
N ALA A 16 0.71 -5.22 4.66
CA ALA A 16 0.21 -5.26 6.06
C ALA A 16 -0.35 -6.67 6.32
N ASN A 17 -1.10 -7.20 5.40
CA ASN A 17 -1.65 -8.58 5.60
C ASN A 17 -0.51 -9.58 5.41
N TYR A 18 0.36 -9.34 4.45
CA TYR A 18 1.50 -10.28 4.22
C TYR A 18 2.51 -10.17 5.37
#